data_5M4P
#
_entry.id   5M4P
#
_cell.length_a   109.442
_cell.length_b   109.442
_cell.length_c   84.515
_cell.angle_alpha   90.00
_cell.angle_beta   90.00
_cell.angle_gamma   120.00
#
_symmetry.space_group_name_H-M   'P 64'
#
loop_
_entity.id
_entity.type
_entity.pdbx_description
1 polymer '[Pyruvate dehydrogenase (acetyl-transferring)] kinase isozyme 2, mitochondrial'
2 non-polymer ~{N}-[4-(2-chloranyl-5-methyl-pyrimidin-4-yl)phenyl]-2,4-bis(oxidanyl)-~{N}-[[4-(pyrrolidin-1-ylmethyl)phenyl]methyl]benzamide
3 non-polymer 'N-(2-AMINOETHYL)-2-{3-CHLORO-4-[(4-ISOPROPYLBENZYL)OXY]PHENYL} ACETAMIDE'
4 non-polymer 'CHLORIDE ION'
5 water water
#
_entity_poly.entity_id   1
_entity_poly.type   'polypeptide(L)'
_entity_poly.pdbx_seq_one_letter_code
;MRWVWALLKNASLAGSAPKYIEHFSKFSPSPLSMKQFLDFGSSNACEKTSFTFLRQELPVRLANIMKEINLLPDRVLSTP
SVQLVQSWYVQSLLDIMEFLDKDPEDHRTLSQFTDALVTIRNRHNDVVPTMAQGVLEYKDTYGDDPVSNQNIQYFLDRFY
LSRISIRMLINQHTLIFDGSTNPAHPKHIGSIDPNCNVSEVVKDAYDMAKLLCDKYYMASPDLEIQEINAANSKQPIHMV
YVPSHLYHMLFELFKNAMRATVESHESSLILPPIKVMVALGEEDLSIKMSDRGGGVPLRKIERLFSYMYSTAPTPQPGTG
GTPLAGFGYGLPISRLYAKYFQGDLQLFSMEGFGTDAVIYLKALSTDSVERLPVYNKSAWRHYQTIQEAGDWCVPSTEPK
NTSTYRVS
;
_entity_poly.pdbx_strand_id   A
#
# COMPACT_ATOMS: atom_id res chain seq x y z
N GLY A 15 32.28 10.39 -1.06
CA GLY A 15 31.49 9.16 -0.83
C GLY A 15 31.24 8.49 -2.15
N SER A 16 30.57 7.35 -2.08
CA SER A 16 30.35 6.50 -3.25
C SER A 16 28.87 6.41 -3.72
N ALA A 17 27.94 7.15 -3.12
CA ALA A 17 26.50 6.94 -3.39
C ALA A 17 26.19 7.04 -4.86
N PRO A 18 26.69 8.07 -5.56
CA PRO A 18 26.34 8.09 -7.01
C PRO A 18 26.87 6.88 -7.79
N LYS A 19 28.00 6.35 -7.38
CA LYS A 19 28.56 5.16 -8.03
C LYS A 19 27.69 3.93 -7.72
N TYR A 20 27.30 3.81 -6.46
CA TYR A 20 26.45 2.72 -6.02
C TYR A 20 25.09 2.72 -6.71
N ILE A 21 24.43 3.88 -6.72
CA ILE A 21 23.13 4.06 -7.34
C ILE A 21 23.27 3.57 -8.76
N GLU A 22 24.25 4.12 -9.46
CA GLU A 22 24.48 3.81 -10.86
C GLU A 22 24.74 2.32 -11.14
N HIS A 23 25.55 1.68 -10.31
CA HIS A 23 25.85 0.27 -10.45
C HIS A 23 24.56 -0.55 -10.26
N PHE A 24 23.90 -0.34 -9.10
CA PHE A 24 22.74 -1.17 -8.71
C PHE A 24 21.47 -0.87 -9.51
N SER A 25 21.34 0.35 -10.05
CA SER A 25 20.25 0.60 -11.00
C SER A 25 20.51 -0.09 -12.33
N LYS A 26 21.67 -0.65 -12.58
CA LYS A 26 21.80 -1.44 -13.82
C LYS A 26 21.02 -2.77 -13.77
N PHE A 27 20.83 -3.32 -12.56
CA PHE A 27 20.00 -4.51 -12.33
C PHE A 27 18.50 -4.23 -12.39
N SER A 28 17.70 -5.24 -12.70
CA SER A 28 16.23 -5.10 -12.60
C SER A 28 15.73 -5.62 -11.25
N PRO A 29 14.69 -4.99 -10.66
CA PRO A 29 14.20 -5.65 -9.44
C PRO A 29 13.62 -7.00 -9.81
N SER A 30 13.63 -7.95 -8.88
CA SER A 30 13.07 -9.30 -9.10
C SER A 30 11.76 -9.43 -8.34
N PRO A 31 10.62 -9.32 -9.03
CA PRO A 31 9.36 -9.51 -8.32
C PRO A 31 9.21 -10.93 -7.78
N LEU A 32 8.78 -11.05 -6.53
CA LEU A 32 8.43 -12.33 -5.94
C LEU A 32 6.92 -12.61 -5.97
N SER A 33 6.57 -13.90 -6.04
CA SER A 33 5.17 -14.38 -5.87
C SER A 33 4.89 -14.85 -4.47
N MET A 34 3.62 -15.08 -4.16
CA MET A 34 3.25 -15.61 -2.84
C MET A 34 3.97 -16.88 -2.51
N LYS A 35 4.08 -17.78 -3.48
CA LYS A 35 4.82 -18.98 -3.25
C LYS A 35 6.25 -18.64 -2.85
N GLN A 36 6.96 -17.88 -3.68
CA GLN A 36 8.34 -17.53 -3.27
C GLN A 36 8.35 -17.00 -1.86
N PHE A 37 7.37 -16.14 -1.51
CA PHE A 37 7.31 -15.54 -0.16
C PHE A 37 7.07 -16.55 0.95
N LEU A 38 6.09 -17.42 0.75
CA LEU A 38 5.85 -18.50 1.70
C LEU A 38 7.09 -19.38 1.90
N ASP A 39 7.78 -19.74 0.81
CA ASP A 39 8.94 -20.63 0.91
C ASP A 39 10.08 -19.99 1.68
N PHE A 40 10.33 -18.68 1.48
CA PHE A 40 11.30 -17.94 2.33
C PHE A 40 10.95 -18.04 3.82
N GLY A 41 9.66 -18.19 4.14
CA GLY A 41 9.19 -18.18 5.52
C GLY A 41 8.86 -19.47 6.25
N SER A 42 9.22 -20.65 5.73
CA SER A 42 8.98 -21.95 6.46
C SER A 42 10.29 -22.76 6.63
N ASN A 44 11.88 -20.16 8.77
CA ASN A 44 11.77 -21.59 8.85
C ASN A 44 13.13 -22.17 8.45
N ALA A 45 14.17 -21.60 9.10
CA ALA A 45 15.62 -21.92 8.97
C ALA A 45 16.38 -21.29 7.79
N CYS A 46 15.72 -20.93 6.69
CA CYS A 46 16.47 -20.37 5.57
C CYS A 46 16.70 -18.86 5.79
N GLU A 47 17.18 -18.48 6.98
CA GLU A 47 17.55 -17.07 7.29
C GLU A 47 18.77 -16.64 6.48
N LYS A 48 19.71 -17.55 6.40
CA LYS A 48 20.90 -17.31 5.66
C LYS A 48 20.52 -16.89 4.24
N THR A 49 19.58 -17.63 3.64
CA THR A 49 19.08 -17.44 2.28
C THR A 49 18.25 -16.13 2.03
N SER A 50 17.50 -15.71 3.01
CA SER A 50 16.81 -14.46 2.92
C SER A 50 17.83 -13.34 2.97
N PHE A 51 18.83 -13.50 3.84
CA PHE A 51 19.93 -12.52 3.94
C PHE A 51 20.74 -12.36 2.65
N THR A 52 21.13 -13.46 2.03
CA THR A 52 21.94 -13.32 0.82
C THR A 52 21.07 -12.78 -0.29
N PHE A 53 19.77 -13.09 -0.28
CA PHE A 53 18.84 -12.51 -1.26
C PHE A 53 18.78 -10.98 -1.06
N LEU A 54 18.49 -10.58 0.18
CA LEU A 54 18.13 -9.19 0.46
C LEU A 54 19.24 -8.17 0.32
N ARG A 55 20.44 -8.56 0.73
CA ARG A 55 21.63 -7.72 0.58
C ARG A 55 21.96 -7.42 -0.89
N GLN A 56 21.48 -8.24 -1.83
CA GLN A 56 21.50 -7.83 -3.25
C GLN A 56 20.24 -7.06 -3.70
N GLU A 57 19.06 -7.49 -3.23
CA GLU A 57 17.80 -7.06 -3.84
C GLU A 57 17.43 -5.67 -3.34
N LEU A 58 17.70 -5.40 -2.06
CA LEU A 58 17.41 -4.09 -1.51
C LEU A 58 18.21 -2.98 -2.18
N PRO A 59 19.55 -3.17 -2.36
CA PRO A 59 20.27 -2.11 -3.08
C PRO A 59 19.73 -1.87 -4.48
N VAL A 60 19.41 -2.93 -5.18
CA VAL A 60 18.78 -2.81 -6.50
C VAL A 60 17.49 -1.97 -6.49
N ARG A 61 16.64 -2.24 -5.51
CA ARG A 61 15.35 -1.54 -5.42
C ARG A 61 15.57 -0.14 -4.94
N LEU A 62 16.44 0.03 -3.94
CA LEU A 62 16.76 1.40 -3.51
C LEU A 62 17.28 2.24 -4.69
N ALA A 63 18.25 1.68 -5.42
CA ALA A 63 18.98 2.42 -6.44
C ALA A 63 18.09 2.72 -7.61
N ASN A 64 17.23 1.77 -8.01
CA ASN A 64 16.29 2.09 -9.10
C ASN A 64 15.38 3.28 -8.73
N ILE A 65 14.90 3.33 -7.48
CA ILE A 65 14.00 4.43 -7.15
C ILE A 65 14.85 5.73 -6.97
N MET A 66 15.99 5.60 -6.31
CA MET A 66 16.90 6.72 -6.15
C MET A 66 17.30 7.36 -7.47
N LYS A 67 17.50 6.52 -8.48
CA LYS A 67 17.79 7.06 -9.78
C LYS A 67 16.65 7.91 -10.29
N GLU A 68 15.42 7.45 -10.13
CA GLU A 68 14.31 8.21 -10.60
C GLU A 68 14.13 9.52 -9.83
N ILE A 69 14.34 9.51 -8.53
CA ILE A 69 14.27 10.76 -7.72
C ILE A 69 15.29 11.78 -8.33
N ASN A 70 16.58 11.38 -8.43
CA ASN A 70 17.62 12.27 -9.03
C ASN A 70 17.35 12.82 -10.47
N LEU A 71 16.41 12.23 -11.20
CA LEU A 71 15.97 12.78 -12.50
C LEU A 71 14.74 13.71 -12.41
N LEU A 72 14.28 14.05 -11.22
CA LEU A 72 13.23 15.07 -11.14
C LEU A 72 13.84 16.45 -11.49
N PRO A 73 13.03 17.34 -12.07
CA PRO A 73 13.62 18.66 -12.39
C PRO A 73 14.24 19.36 -11.16
N ASP A 74 15.21 20.26 -11.35
CA ASP A 74 15.93 20.77 -10.20
C ASP A 74 15.03 21.58 -9.26
N ARG A 75 14.00 22.24 -9.79
CA ARG A 75 13.06 22.97 -8.90
C ARG A 75 12.14 22.08 -7.99
N VAL A 76 12.06 20.78 -8.25
CA VAL A 76 11.47 19.85 -7.30
C VAL A 76 12.56 19.27 -6.48
N LEU A 77 13.59 18.83 -7.16
CA LEU A 77 14.68 18.14 -6.53
C LEU A 77 15.39 18.96 -5.45
N SER A 78 15.42 20.27 -5.54
CA SER A 78 16.16 21.03 -4.54
C SER A 78 15.32 21.50 -3.37
N THR A 79 14.05 21.13 -3.33
CA THR A 79 13.22 21.51 -2.20
C THR A 79 13.62 20.67 -1.01
N PRO A 80 13.37 21.18 0.22
CA PRO A 80 13.81 20.46 1.41
C PRO A 80 13.24 19.07 1.57
N SER A 81 11.96 18.90 1.28
CA SER A 81 11.28 17.62 1.51
C SER A 81 11.96 16.52 0.71
N VAL A 82 12.20 16.79 -0.55
CA VAL A 82 12.85 15.81 -1.41
C VAL A 82 14.30 15.59 -1.04
N GLN A 83 14.99 16.61 -0.56
CA GLN A 83 16.36 16.45 -0.16
C GLN A 83 16.42 15.54 1.03
N LEU A 84 15.53 15.75 1.97
CA LEU A 84 15.48 14.97 3.17
C LEU A 84 15.25 13.50 2.83
N VAL A 85 14.27 13.18 1.98
CA VAL A 85 14.03 11.77 1.72
C VAL A 85 15.17 11.20 0.90
N GLN A 86 15.78 12.02 0.06
CA GLN A 86 16.95 11.53 -0.68
C GLN A 86 18.08 11.17 0.27
N SER A 87 18.21 11.86 1.40
CA SER A 87 19.27 11.53 2.32
C SER A 87 18.93 10.27 3.09
N TRP A 88 17.65 10.01 3.36
CA TRP A 88 17.29 8.72 3.97
C TRP A 88 17.64 7.57 3.02
N TYR A 89 17.25 7.67 1.76
CA TYR A 89 17.58 6.62 0.81
C TYR A 89 19.13 6.39 0.74
N VAL A 90 19.92 7.47 0.61
CA VAL A 90 21.40 7.35 0.58
C VAL A 90 21.87 6.61 1.81
N GLN A 91 21.42 7.01 2.99
CA GLN A 91 21.90 6.36 4.21
C GLN A 91 21.51 4.92 4.25
N SER A 92 20.29 4.64 3.82
CA SER A 92 19.75 3.30 3.89
C SER A 92 20.50 2.34 3.04
N LEU A 93 20.85 2.77 1.84
CA LEU A 93 21.58 1.95 0.90
C LEU A 93 22.97 1.67 1.45
N LEU A 94 23.56 2.70 2.06
CA LEU A 94 24.91 2.59 2.64
C LEU A 94 24.83 1.59 3.76
N ASP A 95 23.79 1.68 4.60
CA ASP A 95 23.65 0.69 5.67
C ASP A 95 23.71 -0.71 5.11
N ILE A 96 23.07 -0.95 3.97
CA ILE A 96 23.03 -2.32 3.45
C ILE A 96 24.29 -2.75 2.70
N MET A 97 25.04 -1.82 2.15
CA MET A 97 26.30 -2.14 1.52
C MET A 97 27.25 -2.90 2.46
N GLU A 98 27.35 -2.45 3.71
CA GLU A 98 28.28 -2.99 4.68
C GLU A 98 28.25 -4.48 4.82
N PHE A 99 27.21 -5.12 4.31
CA PHE A 99 26.98 -6.53 4.54
C PHE A 99 27.33 -7.39 3.37
N LEU A 100 27.65 -6.76 2.23
CA LEU A 100 27.93 -7.50 0.99
C LEU A 100 29.12 -8.44 1.04
N ASP A 101 30.22 -7.97 1.68
CA ASP A 101 31.43 -8.79 1.83
C ASP A 101 31.37 -9.61 3.11
N LYS A 102 30.28 -9.46 3.89
CA LYS A 102 30.19 -10.12 5.18
C LYS A 102 29.74 -11.56 5.04
N ASP A 103 29.82 -12.29 6.15
CA ASP A 103 29.86 -13.75 6.12
C ASP A 103 28.55 -14.38 6.59
N PRO A 104 27.77 -14.94 5.64
CA PRO A 104 26.44 -15.50 5.96
C PRO A 104 26.43 -16.55 7.09
N GLU A 105 27.48 -17.37 7.20
CA GLU A 105 27.60 -18.38 8.30
C GLU A 105 27.75 -17.76 9.71
N ASP A 106 28.29 -16.53 9.80
CA ASP A 106 28.50 -15.90 11.10
C ASP A 106 27.16 -15.38 11.62
N HIS A 107 26.62 -16.08 12.62
CA HIS A 107 25.30 -15.83 13.19
C HIS A 107 25.19 -14.40 13.70
N ARG A 108 26.33 -13.74 13.88
CA ARG A 108 26.36 -12.37 14.35
C ARG A 108 26.17 -11.37 13.17
N THR A 109 26.59 -11.78 11.96
CA THR A 109 26.28 -11.09 10.70
C THR A 109 24.77 -10.99 10.55
N LEU A 110 24.10 -12.13 10.74
CA LEU A 110 22.65 -12.25 10.63
C LEU A 110 21.86 -11.38 11.60
N SER A 111 22.28 -11.37 12.85
CA SER A 111 21.61 -10.58 13.86
C SER A 111 21.79 -9.07 13.63
N GLN A 112 22.96 -8.64 13.15
CA GLN A 112 23.17 -7.19 12.99
C GLN A 112 22.50 -6.68 11.72
N PHE A 113 22.27 -7.59 10.76
CA PHE A 113 21.51 -7.26 9.54
C PHE A 113 20.01 -7.01 9.87
N THR A 114 19.42 -7.88 10.68
CA THR A 114 18.09 -7.61 11.16
C THR A 114 17.99 -6.28 11.87
N ASP A 115 18.94 -5.98 12.77
CA ASP A 115 18.97 -4.67 13.47
C ASP A 115 18.99 -3.57 12.45
N ALA A 116 19.80 -3.77 11.41
CA ALA A 116 19.91 -2.81 10.33
C ALA A 116 18.59 -2.64 9.54
N LEU A 117 17.83 -3.70 9.32
CA LEU A 117 16.56 -3.51 8.61
C LEU A 117 15.59 -2.68 9.44
N VAL A 118 15.45 -3.02 10.72
CA VAL A 118 14.57 -2.24 11.62
C VAL A 118 14.95 -0.75 11.63
N THR A 119 16.23 -0.45 11.81
CA THR A 119 16.67 0.94 11.77
C THR A 119 16.27 1.63 10.44
N ILE A 120 16.46 0.96 9.30
CA ILE A 120 16.01 1.50 8.00
C ILE A 120 14.48 1.70 7.91
N ARG A 121 13.70 0.79 8.46
CA ARG A 121 12.26 0.96 8.48
C ARG A 121 11.86 2.21 9.27
N ASN A 122 12.42 2.37 10.48
CA ASN A 122 12.07 3.52 11.33
C ASN A 122 12.43 4.82 10.60
N ARG A 123 13.64 4.86 10.08
CA ARG A 123 14.16 6.02 9.35
C ARG A 123 13.17 6.57 8.28
N HIS A 124 12.50 5.69 7.52
CA HIS A 124 11.58 6.11 6.41
C HIS A 124 10.08 6.27 6.79
N ASN A 125 9.75 6.19 8.08
CA ASN A 125 8.35 6.06 8.50
C ASN A 125 7.48 7.21 8.11
N ASP A 126 8.09 8.40 8.03
CA ASP A 126 7.39 9.65 7.77
C ASP A 126 7.49 10.14 6.36
N VAL A 127 7.76 9.27 5.38
CA VAL A 127 7.82 9.81 4.03
C VAL A 127 6.50 10.41 3.58
N VAL A 128 5.39 9.85 4.03
CA VAL A 128 4.10 10.24 3.42
C VAL A 128 3.86 11.70 3.72
N PRO A 129 3.91 12.10 5.00
CA PRO A 129 3.76 13.51 5.26
C PRO A 129 4.89 14.35 4.69
N THR A 130 6.11 13.81 4.56
CA THR A 130 7.24 14.57 3.97
C THR A 130 7.00 14.92 2.50
N MET A 131 6.63 13.91 1.71
CA MET A 131 6.30 14.13 0.32
C MET A 131 5.16 15.08 0.16
N ALA A 132 4.18 14.99 1.06
CA ALA A 132 2.98 15.82 0.96
C ALA A 132 3.31 17.31 1.11
N GLN A 133 4.32 17.64 1.97
CA GLN A 133 4.86 19.00 2.03
C GLN A 133 5.49 19.43 0.69
N GLY A 134 6.18 18.52 0.02
CA GLY A 134 6.70 18.79 -1.31
C GLY A 134 5.64 19.09 -2.36
N VAL A 135 4.58 18.30 -2.37
CA VAL A 135 3.45 18.56 -3.27
C VAL A 135 2.85 19.94 -3.00
N LEU A 136 2.62 20.20 -1.73
CA LEU A 136 2.17 21.50 -1.27
C LEU A 136 3.07 22.63 -1.77
N GLU A 137 4.35 22.54 -1.42
CA GLU A 137 5.26 23.60 -1.80
C GLU A 137 5.17 23.78 -3.33
N TYR A 138 5.17 22.70 -4.08
CA TYR A 138 5.12 22.84 -5.51
C TYR A 138 3.83 23.52 -5.96
N LYS A 139 2.71 23.17 -5.36
CA LYS A 139 1.42 23.77 -5.74
C LYS A 139 1.41 25.30 -5.64
N ASP A 140 1.91 25.82 -4.53
CA ASP A 140 1.95 27.27 -4.29
C ASP A 140 3.06 27.97 -5.05
N THR A 141 4.09 27.23 -5.28
CA THR A 141 5.29 27.75 -5.80
C THR A 141 5.35 27.73 -7.38
N TYR A 142 4.70 26.76 -8.03
CA TYR A 142 4.65 26.61 -9.53
C TYR A 142 3.25 26.35 -10.11
N GLY A 143 2.27 25.99 -9.27
CA GLY A 143 0.86 25.86 -9.72
C GLY A 143 0.35 24.43 -9.76
N ASP A 144 -0.92 24.31 -10.13
CA ASP A 144 -1.64 23.03 -10.09
C ASP A 144 -2.30 22.73 -11.40
N ASP A 145 -1.58 22.96 -12.49
CA ASP A 145 -2.04 22.71 -13.83
C ASP A 145 -2.10 21.18 -14.11
N PRO A 146 -2.92 20.76 -15.12
CA PRO A 146 -3.05 19.34 -15.40
C PRO A 146 -1.76 18.61 -15.69
N VAL A 147 -0.81 19.26 -16.34
CA VAL A 147 0.48 18.58 -16.64
C VAL A 147 1.33 18.29 -15.37
N SER A 148 1.35 19.25 -14.45
CA SER A 148 2.00 19.08 -13.14
C SER A 148 1.35 17.94 -12.39
N ASN A 149 0.01 17.90 -12.36
CA ASN A 149 -0.73 16.79 -11.81
C ASN A 149 -0.29 15.41 -12.36
N GLN A 150 -0.27 15.19 -13.68
CA GLN A 150 0.16 13.88 -14.23
C GLN A 150 1.58 13.49 -13.79
N ASN A 151 2.47 14.47 -13.74
CA ASN A 151 3.85 14.16 -13.35
C ASN A 151 3.95 13.80 -11.90
N ILE A 152 3.28 14.54 -11.02
CA ILE A 152 3.20 14.15 -9.63
C ILE A 152 2.57 12.73 -9.49
N GLN A 153 1.46 12.47 -10.16
CA GLN A 153 0.82 11.16 -10.17
C GLN A 153 1.77 10.05 -10.57
N TYR A 154 2.39 10.22 -11.73
CA TYR A 154 3.32 9.23 -12.29
C TYR A 154 4.44 8.95 -11.28
N PHE A 155 5.06 10.01 -10.77
CA PHE A 155 6.19 9.82 -9.86
C PHE A 155 5.78 9.18 -8.58
N LEU A 156 4.78 9.73 -7.88
CA LEU A 156 4.41 9.22 -6.55
C LEU A 156 3.79 7.78 -6.57
N ASP A 157 3.02 7.44 -7.60
CA ASP A 157 2.54 6.04 -7.72
C ASP A 157 3.74 5.07 -7.75
N ARG A 158 4.81 5.46 -8.47
CA ARG A 158 6.02 4.58 -8.59
C ARG A 158 6.80 4.62 -7.30
N PHE A 159 6.99 5.81 -6.74
CA PHE A 159 7.74 5.95 -5.49
C PHE A 159 7.03 5.15 -4.38
N TYR A 160 5.71 5.31 -4.29
CA TYR A 160 4.99 4.59 -3.27
C TYR A 160 4.87 3.10 -3.55
N LEU A 161 4.71 2.70 -4.80
CA LEU A 161 4.67 1.28 -5.02
C LEU A 161 6.01 0.66 -4.61
N SER A 162 7.09 1.31 -5.03
CA SER A 162 8.44 0.85 -4.72
C SER A 162 8.60 0.72 -3.24
N ARG A 163 8.14 1.73 -2.50
CA ARG A 163 8.23 1.72 -1.03
C ARG A 163 7.40 0.62 -0.39
N ILE A 164 6.19 0.34 -0.90
CA ILE A 164 5.42 -0.76 -0.37
C ILE A 164 6.23 -2.07 -0.51
N SER A 165 6.80 -2.29 -1.69
CA SER A 165 7.59 -3.47 -1.97
C SER A 165 8.80 -3.67 -1.05
N ILE A 166 9.44 -2.57 -0.61
CA ILE A 166 10.66 -2.69 0.19
C ILE A 166 10.26 -3.05 1.63
N ARG A 167 9.22 -2.39 2.10
CA ARG A 167 8.69 -2.68 3.42
C ARG A 167 8.23 -4.10 3.44
N MET A 168 7.54 -4.52 2.39
CA MET A 168 7.18 -5.93 2.34
C MET A 168 8.40 -6.87 2.56
N LEU A 169 9.48 -6.67 1.79
CA LEU A 169 10.71 -7.46 1.95
C LEU A 169 11.20 -7.40 3.34
N ILE A 170 11.28 -6.19 3.88
CA ILE A 170 11.83 -6.01 5.21
C ILE A 170 10.94 -6.60 6.30
N ASN A 171 9.65 -6.37 6.22
CA ASN A 171 8.77 -6.95 7.23
C ASN A 171 8.81 -8.46 7.23
N GLN A 172 8.95 -9.09 6.05
CA GLN A 172 8.98 -10.53 6.00
C GLN A 172 10.20 -11.03 6.68
N HIS A 173 11.35 -10.38 6.47
CA HIS A 173 12.59 -10.78 7.18
C HIS A 173 12.51 -10.57 8.71
N THR A 174 12.11 -9.39 9.18
CA THR A 174 12.25 -9.12 10.62
C THR A 174 11.19 -9.81 11.51
N LEU A 175 10.03 -10.11 10.92
CA LEU A 175 8.93 -10.76 11.59
C LEU A 175 9.23 -12.24 11.80
N ILE A 176 9.79 -12.87 10.76
CA ILE A 176 10.09 -14.30 10.75
C ILE A 176 11.42 -14.73 11.41
N PHE A 177 12.47 -13.95 11.24
CA PHE A 177 13.77 -14.29 11.83
C PHE A 177 14.13 -13.38 13.01
N ASP A 178 13.33 -13.48 14.07
CA ASP A 178 13.46 -12.63 15.27
C ASP A 178 14.45 -13.22 16.29
N PRO A 186 2.37 -23.90 11.53
CA PRO A 186 2.41 -22.71 12.40
C PRO A 186 1.82 -21.37 11.84
N LYS A 187 0.67 -21.48 11.15
CA LYS A 187 -0.26 -20.41 10.73
C LYS A 187 0.16 -19.12 9.95
N HIS A 188 0.60 -18.05 10.60
CA HIS A 188 0.94 -16.83 9.87
C HIS A 188 2.39 -16.84 9.46
N ILE A 189 2.70 -16.37 8.26
CA ILE A 189 4.07 -16.33 7.78
C ILE A 189 4.48 -14.89 7.65
N GLY A 190 4.93 -14.32 8.73
CA GLY A 190 5.19 -12.91 8.79
C GLY A 190 3.87 -12.22 8.62
N SER A 191 3.81 -11.31 7.66
CA SER A 191 2.60 -10.59 7.34
C SER A 191 1.66 -11.27 6.30
N ILE A 192 2.05 -12.43 5.79
CA ILE A 192 1.13 -13.22 4.94
C ILE A 192 0.32 -14.20 5.80
N ASP A 193 -1.01 -14.23 5.56
CA ASP A 193 -1.90 -15.24 6.10
C ASP A 193 -2.30 -16.16 4.97
N PRO A 194 -1.88 -17.43 5.02
CA PRO A 194 -2.17 -18.34 3.93
C PRO A 194 -3.63 -18.82 3.93
N ASN A 195 -4.35 -18.46 4.97
CA ASN A 195 -5.70 -18.87 5.12
C ASN A 195 -6.58 -17.71 5.60
N CYS A 196 -6.44 -16.56 4.94
CA CYS A 196 -7.13 -15.32 5.28
C CYS A 196 -8.63 -15.37 5.00
N ASN A 197 -9.45 -15.15 6.01
CA ASN A 197 -10.86 -15.17 5.86
C ASN A 197 -11.27 -13.75 5.57
N VAL A 198 -11.63 -13.50 4.32
CA VAL A 198 -11.86 -12.17 3.90
C VAL A 198 -12.95 -11.42 4.65
N SER A 199 -14.09 -12.07 4.81
CA SER A 199 -15.20 -11.50 5.57
C SER A 199 -14.85 -11.05 7.00
N GLU A 200 -13.98 -11.82 7.64
CA GLU A 200 -13.42 -11.46 8.97
C GLU A 200 -12.67 -10.14 8.92
N VAL A 201 -11.84 -9.95 7.90
CA VAL A 201 -11.12 -8.68 7.75
C VAL A 201 -12.11 -7.55 7.43
N VAL A 202 -13.16 -7.85 6.69
CA VAL A 202 -14.18 -6.88 6.42
C VAL A 202 -14.84 -6.44 7.71
N LYS A 203 -15.25 -7.38 8.55
CA LYS A 203 -15.94 -6.98 9.80
C LYS A 203 -15.02 -6.22 10.72
N ASP A 204 -13.77 -6.66 10.86
CA ASP A 204 -12.84 -5.94 11.71
C ASP A 204 -12.69 -4.51 11.24
N ALA A 205 -12.48 -4.29 9.95
CA ALA A 205 -12.35 -2.90 9.47
C ALA A 205 -13.63 -2.09 9.60
N TYR A 206 -14.78 -2.69 9.31
CA TYR A 206 -16.08 -2.03 9.62
C TYR A 206 -16.16 -1.62 11.09
N ASP A 207 -15.95 -2.59 11.98
CA ASP A 207 -16.07 -2.39 13.45
C ASP A 207 -15.23 -1.20 13.83
N MET A 208 -14.02 -1.13 13.29
CA MET A 208 -13.12 -0.03 13.66
C MET A 208 -13.56 1.29 13.09
N ALA A 209 -14.01 1.31 11.84
CA ALA A 209 -14.52 2.57 11.26
C ALA A 209 -15.81 3.04 11.98
N LYS A 210 -16.71 2.10 12.30
CA LYS A 210 -17.92 2.37 13.13
C LYS A 210 -17.62 3.02 14.47
N LEU A 211 -16.60 2.50 15.12
CA LEU A 211 -16.16 3.05 16.38
C LEU A 211 -15.81 4.53 16.21
N LEU A 212 -15.03 4.86 15.19
CA LEU A 212 -14.74 6.28 14.92
C LEU A 212 -15.99 7.07 14.46
N CYS A 213 -16.83 6.47 13.66
CA CYS A 213 -18.04 7.15 13.14
C CYS A 213 -18.98 7.52 14.30
N ASP A 214 -19.20 6.55 15.20
CA ASP A 214 -20.04 6.78 16.40
C ASP A 214 -19.45 7.83 17.29
N LYS A 215 -18.13 7.91 17.35
CA LYS A 215 -17.49 8.94 18.12
C LYS A 215 -17.74 10.33 17.55
N TYR A 216 -17.54 10.52 16.26
CA TYR A 216 -17.69 11.86 15.67
C TYR A 216 -19.03 12.19 15.10
N TYR A 217 -19.88 11.22 14.83
CA TYR A 217 -21.18 11.53 14.27
C TYR A 217 -22.36 11.08 15.11
N MET A 218 -22.20 10.18 16.09
CA MET A 218 -23.36 9.68 16.88
C MET A 218 -24.57 9.17 15.98
N ALA A 219 -24.20 8.55 14.87
CA ALA A 219 -25.01 7.65 14.10
C ALA A 219 -24.02 6.91 13.16
N SER A 220 -24.24 5.65 12.88
CA SER A 220 -23.34 4.89 12.06
C SER A 220 -24.17 3.89 11.27
N PRO A 221 -23.86 3.68 9.99
CA PRO A 221 -24.60 2.68 9.25
C PRO A 221 -24.32 1.29 9.75
N ASP A 222 -25.19 0.37 9.43
CA ASP A 222 -24.91 -1.02 9.63
C ASP A 222 -24.19 -1.64 8.44
N LEU A 223 -23.79 -2.89 8.62
CA LEU A 223 -23.09 -3.69 7.65
C LEU A 223 -23.93 -4.86 7.20
N GLU A 224 -24.01 -5.12 5.89
CA GLU A 224 -24.47 -6.38 5.37
C GLU A 224 -23.38 -7.01 4.52
N ILE A 225 -23.00 -8.25 4.80
CA ILE A 225 -22.00 -8.93 4.02
C ILE A 225 -22.75 -10.03 3.36
N GLN A 226 -22.42 -10.30 2.09
CA GLN A 226 -22.91 -11.41 1.32
C GLN A 226 -21.68 -12.08 0.59
N GLU A 227 -21.50 -13.39 0.71
CA GLU A 227 -20.51 -14.04 -0.04
C GLU A 227 -21.17 -14.70 -1.20
N ILE A 228 -20.44 -14.73 -2.32
CA ILE A 228 -20.73 -15.52 -3.49
C ILE A 228 -19.51 -16.34 -3.85
N ASN A 229 -19.54 -17.62 -3.53
CA ASN A 229 -18.45 -18.49 -3.88
C ASN A 229 -18.91 -19.28 -5.08
N ALA A 230 -18.56 -18.84 -6.28
CA ALA A 230 -19.12 -19.40 -7.52
C ALA A 230 -18.98 -20.92 -7.61
N ALA A 231 -17.76 -21.40 -7.37
CA ALA A 231 -17.42 -22.80 -7.56
C ALA A 231 -17.81 -23.69 -6.35
N ASN A 232 -17.86 -23.11 -5.15
CA ASN A 232 -18.15 -23.85 -3.91
C ASN A 232 -19.16 -23.05 -3.13
N SER A 233 -20.39 -23.13 -3.62
CA SER A 233 -21.52 -22.33 -3.18
C SER A 233 -21.61 -21.99 -1.69
N LYS A 234 -21.10 -22.82 -0.82
CA LYS A 234 -21.36 -22.58 0.58
C LYS A 234 -20.10 -22.37 1.43
N GLN A 235 -18.93 -22.71 0.90
CA GLN A 235 -17.67 -22.62 1.64
C GLN A 235 -17.34 -21.16 1.99
N PRO A 236 -16.97 -20.89 3.24
CA PRO A 236 -16.49 -19.52 3.47
C PRO A 236 -15.26 -19.13 2.57
N ILE A 237 -15.16 -17.87 2.15
CA ILE A 237 -14.13 -17.46 1.16
C ILE A 237 -12.80 -17.13 1.87
N HIS A 238 -11.76 -17.87 1.52
CA HIS A 238 -10.42 -17.72 2.07
C HIS A 238 -9.44 -17.46 0.92
N MET A 239 -8.29 -16.89 1.22
CA MET A 239 -7.25 -16.62 0.22
C MET A 239 -5.89 -16.53 0.90
N VAL A 240 -4.83 -16.59 0.08
CA VAL A 240 -3.50 -16.21 0.55
C VAL A 240 -3.30 -14.70 0.32
N TYR A 241 -3.05 -13.92 1.37
CA TYR A 241 -2.90 -12.47 1.17
C TYR A 241 -2.18 -11.86 2.35
N VAL A 242 -1.96 -10.53 2.28
CA VAL A 242 -1.37 -9.77 3.37
C VAL A 242 -2.50 -9.00 4.05
N PRO A 243 -2.97 -9.49 5.22
CA PRO A 243 -4.24 -8.93 5.71
C PRO A 243 -4.16 -7.53 6.24
N SER A 244 -2.99 -7.13 6.67
CA SER A 244 -2.80 -5.75 7.03
C SER A 244 -3.05 -4.84 5.83
N HIS A 245 -2.65 -5.25 4.62
CA HIS A 245 -2.93 -4.45 3.44
C HIS A 245 -4.39 -4.38 3.16
N LEU A 246 -5.05 -5.53 3.26
CA LEU A 246 -6.46 -5.66 2.99
C LEU A 246 -7.23 -4.84 4.01
N TYR A 247 -6.81 -4.90 5.26
CA TYR A 247 -7.39 -4.05 6.26
C TYR A 247 -7.21 -2.60 5.94
N HIS A 248 -6.01 -2.16 5.56
CA HIS A 248 -5.80 -0.72 5.17
C HIS A 248 -6.84 -0.30 4.12
N MET A 249 -6.99 -1.11 3.07
CA MET A 249 -7.88 -0.72 1.98
C MET A 249 -9.32 -0.70 2.45
N LEU A 250 -9.76 -1.73 3.18
CA LEU A 250 -11.16 -1.80 3.65
C LEU A 250 -11.49 -0.67 4.63
N PHE A 251 -10.57 -0.43 5.52
CA PHE A 251 -10.71 0.74 6.41
C PHE A 251 -10.96 2.06 5.70
N GLU A 252 -10.18 2.36 4.68
CA GLU A 252 -10.30 3.66 4.00
C GLU A 252 -11.65 3.74 3.28
N LEU A 253 -12.08 2.64 2.70
CA LEU A 253 -13.37 2.55 2.04
C LEU A 253 -14.53 2.72 2.97
N PHE A 254 -14.49 2.06 4.11
CA PHE A 254 -15.54 2.19 5.12
C PHE A 254 -15.65 3.59 5.62
N LYS A 255 -14.51 4.21 5.90
CA LYS A 255 -14.54 5.57 6.41
C LYS A 255 -15.19 6.52 5.44
N ASN A 256 -14.90 6.37 4.16
CA ASN A 256 -15.51 7.19 3.12
C ASN A 256 -17.01 6.96 3.00
N ALA A 257 -17.41 5.70 2.82
CA ALA A 257 -18.80 5.34 2.74
C ALA A 257 -19.65 5.85 3.98
N MET A 258 -19.02 5.80 5.17
CA MET A 258 -19.73 6.20 6.41
C MET A 258 -19.97 7.67 6.37
N ARG A 259 -18.93 8.44 6.10
CA ARG A 259 -19.10 9.87 6.01
C ARG A 259 -20.12 10.22 4.94
N ALA A 260 -20.00 9.65 3.75
CA ALA A 260 -21.01 9.92 2.73
C ALA A 260 -22.41 9.59 3.26
N THR A 261 -22.58 8.38 3.79
CA THR A 261 -23.90 7.96 4.21
C THR A 261 -24.45 8.86 5.33
N VAL A 262 -23.60 9.21 6.30
CA VAL A 262 -24.12 9.86 7.51
C VAL A 262 -24.42 11.28 7.17
N GLU A 263 -23.44 12.00 6.62
CA GLU A 263 -23.67 13.41 6.29
C GLU A 263 -24.77 13.61 5.28
N SER A 264 -24.97 12.66 4.37
CA SER A 264 -26.04 12.86 3.38
C SER A 264 -27.44 12.57 3.94
N HIS A 265 -27.55 11.94 5.13
CA HIS A 265 -28.86 11.59 5.73
C HIS A 265 -29.13 12.24 7.10
N GLU A 266 -28.56 13.42 7.32
CA GLU A 266 -28.66 14.17 8.58
C GLU A 266 -30.08 14.64 8.88
N SER A 267 -30.80 15.06 7.86
CA SER A 267 -32.15 15.55 7.99
C SER A 267 -33.14 14.42 7.76
N SER A 268 -32.73 13.17 7.85
CA SER A 268 -33.62 12.06 7.51
C SER A 268 -33.47 10.94 8.53
N LEU A 269 -34.44 10.04 8.62
CA LEU A 269 -34.38 9.09 9.71
C LEU A 269 -33.73 7.76 9.31
N ILE A 270 -34.28 7.07 8.32
CA ILE A 270 -33.55 5.96 7.67
C ILE A 270 -32.07 6.31 7.45
N LEU A 271 -31.19 5.35 7.72
CA LEU A 271 -29.74 5.47 7.46
C LEU A 271 -29.42 4.19 6.72
N PRO A 272 -29.11 4.27 5.41
CA PRO A 272 -28.90 3.01 4.71
C PRO A 272 -27.68 2.25 5.19
N PRO A 273 -27.74 0.92 5.16
CA PRO A 273 -26.54 0.20 5.49
C PRO A 273 -25.48 0.30 4.38
N ILE A 274 -24.26 -0.01 4.77
CA ILE A 274 -23.20 -0.24 3.83
C ILE A 274 -23.19 -1.72 3.51
N LYS A 275 -23.27 -2.06 2.23
CA LYS A 275 -23.38 -3.43 1.76
C LYS A 275 -22.10 -3.83 1.04
N VAL A 276 -21.53 -4.93 1.44
CA VAL A 276 -20.32 -5.44 0.92
C VAL A 276 -20.65 -6.82 0.34
N MET A 277 -20.17 -7.11 -0.86
CA MET A 277 -20.23 -8.41 -1.41
C MET A 277 -18.81 -8.89 -1.64
N VAL A 278 -18.54 -10.14 -1.29
CA VAL A 278 -17.26 -10.74 -1.48
C VAL A 278 -17.56 -11.87 -2.43
N ALA A 279 -16.99 -11.83 -3.63
CA ALA A 279 -17.24 -12.78 -4.72
C ALA A 279 -15.97 -13.50 -5.05
N LEU A 280 -16.02 -14.82 -5.23
CA LEU A 280 -14.86 -15.59 -5.66
C LEU A 280 -15.15 -16.22 -7.04
N GLY A 281 -14.37 -15.79 -8.03
CA GLY A 281 -14.39 -16.32 -9.38
C GLY A 281 -13.21 -17.25 -9.51
N GLU A 282 -13.02 -17.75 -10.73
CA GLU A 282 -11.84 -18.51 -11.14
C GLU A 282 -10.55 -17.74 -11.10
N GLU A 283 -10.58 -16.44 -11.36
CA GLU A 283 -9.36 -15.67 -11.21
C GLU A 283 -9.39 -14.44 -10.31
N ASP A 284 -10.54 -13.77 -10.23
CA ASP A 284 -10.70 -12.63 -9.36
C ASP A 284 -11.34 -13.03 -8.03
N LEU A 285 -10.87 -12.38 -6.99
CA LEU A 285 -11.57 -12.31 -5.75
C LEU A 285 -11.90 -10.82 -5.56
N SER A 286 -13.19 -10.50 -5.66
CA SER A 286 -13.68 -9.17 -5.74
C SER A 286 -14.43 -8.75 -4.49
N ILE A 287 -14.19 -7.52 -3.98
CA ILE A 287 -14.84 -7.02 -2.81
C ILE A 287 -15.46 -5.68 -3.17
N LYS A 288 -16.78 -5.67 -3.22
CA LYS A 288 -17.51 -4.47 -3.50
C LYS A 288 -18.12 -3.88 -2.25
N MET A 289 -17.97 -2.58 -2.07
CA MET A 289 -18.62 -1.89 -0.98
C MET A 289 -19.54 -0.84 -1.53
N SER A 290 -20.84 -1.00 -1.24
CA SER A 290 -21.90 -0.19 -1.86
C SER A 290 -22.50 0.64 -0.81
N ASP A 291 -22.66 1.94 -1.11
CA ASP A 291 -23.20 2.90 -0.19
C ASP A 291 -24.26 3.75 -0.85
N ARG A 292 -25.09 4.41 -0.04
CA ARG A 292 -26.15 5.27 -0.57
C ARG A 292 -25.94 6.66 -0.02
N GLY A 293 -24.72 7.14 -0.23
CA GLY A 293 -24.29 8.44 0.32
C GLY A 293 -24.53 9.59 -0.62
N GLY A 294 -25.24 9.39 -1.72
CA GLY A 294 -25.41 10.50 -2.69
C GLY A 294 -24.42 10.61 -3.85
N GLY A 295 -23.27 9.96 -3.76
CA GLY A 295 -22.41 9.79 -4.91
C GLY A 295 -21.63 11.06 -5.20
N VAL A 296 -20.91 10.96 -6.33
CA VAL A 296 -19.99 11.97 -6.87
C VAL A 296 -20.31 11.99 -8.39
N PRO A 297 -20.35 13.17 -8.99
CA PRO A 297 -20.47 13.10 -10.46
C PRO A 297 -19.21 12.54 -11.16
N LEU A 298 -19.40 11.90 -12.30
CA LEU A 298 -18.30 11.22 -13.03
C LEU A 298 -17.10 12.10 -13.28
N ARG A 299 -17.33 13.36 -13.59
CA ARG A 299 -16.26 14.31 -13.83
C ARG A 299 -15.34 14.46 -12.61
N LYS A 300 -15.84 14.30 -11.38
CA LYS A 300 -15.03 14.54 -10.18
C LYS A 300 -14.38 13.30 -9.60
N ILE A 301 -14.62 12.15 -10.16
CA ILE A 301 -14.06 10.92 -9.64
C ILE A 301 -12.54 10.81 -9.68
N GLU A 302 -11.92 11.05 -10.83
CA GLU A 302 -10.43 10.91 -10.92
C GLU A 302 -9.71 11.71 -9.82
N ARG A 303 -10.17 12.94 -9.53
CA ARG A 303 -9.48 13.71 -8.51
C ARG A 303 -9.37 13.02 -7.16
N LEU A 304 -10.27 12.12 -6.83
CA LEU A 304 -10.15 11.40 -5.56
C LEU A 304 -8.91 10.52 -5.56
N PHE A 305 -8.36 10.18 -6.72
CA PHE A 305 -7.10 9.42 -6.73
C PHE A 305 -5.82 10.28 -6.88
N SER A 306 -5.99 11.59 -6.99
CA SER A 306 -4.89 12.51 -7.29
C SER A 306 -4.19 12.97 -6.03
N TYR A 307 -2.89 12.74 -5.90
CA TYR A 307 -2.16 13.22 -4.74
C TYR A 307 -2.28 14.76 -4.67
N MET A 308 -2.13 15.39 -5.81
CA MET A 308 -2.07 16.83 -5.82
C MET A 308 -3.41 17.48 -5.43
N TYR A 309 -4.52 16.99 -5.99
CA TYR A 309 -5.84 17.61 -5.73
C TYR A 309 -6.35 17.23 -4.36
N SER A 310 -5.84 16.16 -3.78
CA SER A 310 -6.24 15.76 -2.45
C SER A 310 -5.15 16.13 -1.44
N THR A 311 -4.41 17.21 -1.70
CA THR A 311 -3.46 17.76 -0.75
C THR A 311 -3.79 19.27 -0.54
N ALA A 312 -3.87 19.64 0.74
CA ALA A 312 -4.15 21.02 1.22
C ALA A 312 -3.40 21.24 2.57
N PRO A 313 -3.01 22.50 2.90
CA PRO A 313 -2.18 22.69 4.12
C PRO A 313 -2.95 22.45 5.43
N LEU A 324 -13.02 12.69 11.19
CA LEU A 324 -12.82 11.38 10.50
C LEU A 324 -11.75 11.42 9.37
N ALA A 325 -11.60 12.59 8.74
CA ALA A 325 -10.59 12.87 7.70
C ALA A 325 -9.14 12.49 8.06
N GLY A 326 -8.79 12.54 9.36
CA GLY A 326 -7.45 12.18 9.85
C GLY A 326 -7.01 10.72 9.72
N PHE A 327 -7.96 9.78 9.58
CA PHE A 327 -7.59 8.37 9.59
C PHE A 327 -7.52 7.75 8.20
N GLY A 328 -6.60 6.79 8.04
CA GLY A 328 -6.49 6.06 6.79
C GLY A 328 -5.31 6.44 5.94
N TYR A 329 -4.97 5.53 5.05
CA TYR A 329 -3.84 5.67 4.15
C TYR A 329 -4.21 6.52 2.95
N GLY A 330 -5.52 6.65 2.66
CA GLY A 330 -6.06 7.46 1.55
C GLY A 330 -6.40 6.57 0.34
N LEU A 331 -7.19 7.10 -0.58
CA LEU A 331 -7.52 6.34 -1.79
C LEU A 331 -6.29 5.96 -2.71
N PRO A 332 -5.46 6.95 -3.07
CA PRO A 332 -4.38 6.63 -3.98
C PRO A 332 -3.45 5.53 -3.42
N ILE A 333 -3.15 5.54 -2.12
CA ILE A 333 -2.30 4.50 -1.53
C ILE A 333 -3.02 3.16 -1.40
N SER A 334 -4.30 3.16 -1.02
CA SER A 334 -5.10 1.94 -1.01
C SER A 334 -5.14 1.29 -2.39
N ARG A 335 -5.20 2.07 -3.44
CA ARG A 335 -5.14 1.48 -4.79
C ARG A 335 -3.77 0.82 -5.10
N LEU A 336 -2.69 1.42 -4.62
CA LEU A 336 -1.37 0.83 -4.79
C LEU A 336 -1.26 -0.49 -4.06
N TYR A 337 -1.70 -0.57 -2.81
CA TYR A 337 -1.74 -1.88 -2.10
C TYR A 337 -2.48 -2.92 -2.94
N ALA A 338 -3.58 -2.52 -3.58
CA ALA A 338 -4.33 -3.41 -4.45
C ALA A 338 -3.48 -3.79 -5.63
N LYS A 339 -2.84 -2.81 -6.23
CA LYS A 339 -2.12 -3.10 -7.47
C LYS A 339 -0.93 -3.99 -7.21
N TYR A 340 -0.42 -3.88 -5.99
CA TYR A 340 0.85 -4.40 -5.63
C TYR A 340 0.98 -5.90 -5.91
N PHE A 341 -0.08 -6.69 -5.63
CA PHE A 341 -0.15 -8.09 -6.02
C PHE A 341 -1.06 -8.34 -7.22
N GLN A 342 -0.94 -7.48 -8.22
CA GLN A 342 -1.64 -7.58 -9.51
C GLN A 342 -3.13 -7.39 -9.41
N GLY A 343 -3.59 -6.64 -8.41
CA GLY A 343 -5.01 -6.29 -8.33
C GLY A 343 -5.29 -4.90 -8.78
N ASP A 344 -6.42 -4.36 -8.34
CA ASP A 344 -6.83 -3.00 -8.60
C ASP A 344 -7.89 -2.57 -7.56
N LEU A 345 -8.17 -1.28 -7.49
CA LEU A 345 -9.20 -0.70 -6.67
C LEU A 345 -9.86 0.38 -7.50
N GLN A 346 -11.14 0.26 -7.80
CA GLN A 346 -11.87 1.20 -8.69
C GLN A 346 -13.09 1.77 -8.03
N LEU A 347 -13.47 2.99 -8.42
CA LEU A 347 -14.69 3.59 -7.91
C LEU A 347 -15.65 3.81 -9.02
N PHE A 348 -16.94 3.51 -8.80
CA PHE A 348 -17.96 4.01 -9.71
C PHE A 348 -19.21 4.43 -9.00
N SER A 349 -19.71 5.58 -9.35
CA SER A 349 -20.73 6.23 -8.56
C SER A 349 -21.94 6.58 -9.47
N MET A 350 -23.08 6.85 -8.83
CA MET A 350 -24.30 7.35 -9.47
C MET A 350 -24.66 8.59 -8.70
N GLU A 351 -24.39 9.75 -9.26
CA GLU A 351 -24.67 10.96 -8.58
C GLU A 351 -26.12 10.93 -8.23
N GLY A 352 -26.43 11.21 -6.96
CA GLY A 352 -27.82 11.24 -6.47
C GLY A 352 -28.25 10.02 -5.68
N PHE A 353 -27.41 8.99 -5.66
CA PHE A 353 -27.71 7.72 -5.04
C PHE A 353 -26.53 7.27 -4.16
N GLY A 354 -25.46 6.79 -4.76
CA GLY A 354 -24.24 6.50 -3.99
C GLY A 354 -23.17 5.89 -4.86
N THR A 355 -22.17 5.31 -4.19
CA THR A 355 -20.93 4.87 -4.79
C THR A 355 -20.62 3.39 -4.47
N ASP A 356 -20.17 2.65 -5.47
CA ASP A 356 -19.50 1.36 -5.29
C ASP A 356 -18.01 1.54 -5.36
N ALA A 357 -17.32 0.89 -4.44
CA ALA A 357 -15.90 0.83 -4.49
C ALA A 357 -15.63 -0.64 -4.54
N VAL A 358 -14.72 -1.04 -5.43
CA VAL A 358 -14.35 -2.42 -5.57
C VAL A 358 -12.86 -2.63 -5.49
N ILE A 359 -12.47 -3.62 -4.71
CA ILE A 359 -11.11 -4.09 -4.63
C ILE A 359 -11.07 -5.34 -5.45
N TYR A 360 -10.19 -5.39 -6.44
CA TYR A 360 -9.94 -6.58 -7.21
C TYR A 360 -8.62 -7.19 -6.79
N LEU A 361 -8.64 -8.46 -6.42
CA LEU A 361 -7.49 -9.18 -5.94
C LEU A 361 -7.42 -10.47 -6.75
N LYS A 362 -6.24 -11.07 -6.83
CA LYS A 362 -6.09 -12.27 -7.60
C LYS A 362 -6.52 -13.36 -6.67
N ALA A 363 -7.35 -14.29 -7.15
CA ALA A 363 -7.79 -15.40 -6.32
C ALA A 363 -6.69 -16.39 -6.05
N LEU A 364 -5.89 -16.68 -7.07
CA LEU A 364 -4.89 -17.78 -6.95
C LEU A 364 -3.55 -17.25 -6.48
N SER A 365 -2.92 -17.91 -5.52
CA SER A 365 -1.59 -17.51 -5.10
C SER A 365 -0.64 -17.50 -6.28
N THR A 366 -0.85 -18.31 -7.30
CA THR A 366 0.09 -18.31 -8.42
C THR A 366 0.07 -17.06 -9.31
N ASP A 367 -1.03 -16.29 -9.28
CA ASP A 367 -1.12 -15.02 -10.00
C ASP A 367 -0.76 -13.79 -9.11
N SER A 368 -0.39 -14.04 -7.86
CA SER A 368 -0.04 -12.96 -6.93
C SER A 368 1.45 -12.74 -6.93
N VAL A 369 1.89 -11.86 -7.80
CA VAL A 369 3.29 -11.55 -7.93
C VAL A 369 3.40 -10.06 -7.71
N GLU A 370 4.48 -9.66 -7.04
CA GLU A 370 4.83 -8.28 -6.91
C GLU A 370 4.74 -7.55 -8.26
N ARG A 371 4.09 -6.40 -8.20
CA ARG A 371 4.04 -5.48 -9.28
C ARG A 371 4.96 -4.33 -8.82
N LEU A 372 6.06 -4.15 -9.53
CA LEU A 372 7.11 -3.21 -9.18
C LEU A 372 7.21 -2.23 -10.28
N PRO A 373 7.54 -0.97 -9.95
CA PRO A 373 7.63 0.04 -10.97
C PRO A 373 8.68 -0.33 -12.03
N VAL A 374 8.39 -0.02 -13.29
CA VAL A 374 9.28 -0.39 -14.38
C VAL A 374 10.40 0.66 -14.66
N TYR A 375 11.62 0.37 -14.20
CA TYR A 375 12.70 1.33 -14.41
C TYR A 375 13.50 1.10 -15.72
#